data_9W4U
#
_entry.id   9W4U
#
_cell.length_a   50.068
_cell.length_b   50.137
_cell.length_c   50.399
_cell.angle_alpha   77.09
_cell.angle_beta   80.10
_cell.angle_gamma   77.78
#
_symmetry.space_group_name_H-M   'P 1'
#
loop_
_entity.id
_entity.type
_entity.pdbx_description
1 polymer 'ASFV E146L'
2 water water
#
_entity_poly.entity_id   1
_entity_poly.type   'polypeptide(L)'
_entity_poly.pdbx_seq_one_letter_code
;GGNFTGWSPFKYSKGNTVTFKTPDESSIAYMRFRNCVFTFTDPKGSLHSIDVTEVLNNMAKGFRDAQNPPSSFTLGGHCQ
APLNAFSFVLPGVNDRATVATADEAKKWENCDATLTGLQRII
;
_entity_poly.pdbx_strand_id   A,B,C,D
#
# COMPACT_ATOMS: atom_id res chain seq x y z
N GLY A 6 21.79 -4.07 1.83
CA GLY A 6 20.69 -4.14 0.88
C GLY A 6 19.32 -4.22 1.53
N TRP A 7 18.32 -3.67 0.85
CA TRP A 7 16.96 -3.65 1.37
C TRP A 7 16.32 -5.03 1.25
N SER A 8 15.55 -5.43 2.27
CA SER A 8 14.87 -6.73 2.31
C SER A 8 13.39 -6.51 2.57
N PRO A 9 12.51 -6.87 1.64
CA PRO A 9 11.09 -6.65 1.90
C PRO A 9 10.59 -7.58 2.99
N PHE A 10 9.52 -7.14 3.64
CA PHE A 10 8.85 -7.93 4.65
C PHE A 10 7.35 -7.79 4.43
N LYS A 11 6.58 -8.69 5.05
CA LYS A 11 5.09 -8.62 4.96
C LYS A 11 4.48 -9.30 6.19
N TYR A 12 3.69 -8.58 6.97
CA TYR A 12 2.97 -9.14 8.11
C TYR A 12 1.47 -9.05 7.86
N SER A 13 0.71 -9.94 8.49
CA SER A 13 -0.74 -9.93 8.33
C SER A 13 -1.40 -10.01 9.69
N LYS A 14 -2.73 -9.86 9.68
CA LYS A 14 -3.50 -9.80 10.90
C LYS A 14 -3.23 -11.02 11.77
N GLY A 15 -2.95 -10.77 13.04
CA GLY A 15 -2.60 -11.81 13.98
C GLY A 15 -1.11 -12.02 14.16
N ASN A 16 -0.27 -11.54 13.25
CA ASN A 16 1.17 -11.70 13.44
C ASN A 16 1.67 -10.88 14.62
N THR A 17 2.52 -11.51 15.42
CA THR A 17 3.43 -10.78 16.28
C THR A 17 4.51 -10.20 15.38
N VAL A 18 4.61 -8.87 15.34
CA VAL A 18 5.47 -8.19 14.39
C VAL A 18 6.78 -7.86 15.10
N THR A 19 7.82 -8.64 14.80
CA THR A 19 9.14 -8.49 15.40
C THR A 19 10.14 -8.27 14.27
N PHE A 20 10.95 -7.22 14.40
CA PHE A 20 11.94 -6.85 13.40
C PHE A 20 13.32 -7.17 13.95
N LYS A 21 14.11 -7.96 13.21
CA LYS A 21 15.34 -8.49 13.77
C LYS A 21 16.49 -8.24 12.80
N THR A 22 17.65 -7.93 13.35
CA THR A 22 18.85 -7.83 12.54
C THR A 22 19.29 -9.24 12.15
N PRO A 23 19.89 -9.41 10.97
CA PRO A 23 20.24 -10.77 10.52
C PRO A 23 21.43 -11.37 11.25
N ASP A 24 22.27 -10.57 11.92
CA ASP A 24 23.47 -11.06 12.57
C ASP A 24 23.53 -10.69 14.05
N GLU A 25 22.39 -10.43 14.66
CA GLU A 25 22.28 -10.06 16.08
C GLU A 25 23.07 -8.80 16.42
N SER A 26 23.35 -7.94 15.43
CA SER A 26 23.87 -6.62 15.70
C SER A 26 22.74 -5.70 16.18
N SER A 27 23.08 -4.46 16.50
CA SER A 27 22.14 -3.59 17.18
C SER A 27 20.94 -3.21 16.29
N ILE A 28 19.75 -3.22 16.90
CA ILE A 28 18.53 -2.81 16.20
C ILE A 28 18.54 -1.33 15.86
N ALA A 29 19.38 -0.55 16.53
CA ALA A 29 19.36 0.90 16.35
C ALA A 29 19.91 1.33 15.01
N TYR A 30 20.53 0.41 14.26
CA TYR A 30 21.04 0.66 12.92
C TYR A 30 20.11 0.13 11.83
N MET A 31 18.98 -0.47 12.23
CA MET A 31 17.93 -0.92 11.32
C MET A 31 17.20 0.29 10.76
N ARG A 32 16.99 0.31 9.44
CA ARG A 32 16.31 1.41 8.75
C ARG A 32 15.20 0.83 7.87
N PHE A 33 14.22 1.68 7.55
CA PHE A 33 13.02 1.28 6.86
C PHE A 33 12.78 2.20 5.67
N ARG A 34 12.09 1.67 4.66
CA ARG A 34 11.71 2.43 3.49
C ARG A 34 10.39 1.87 2.96
N ASN A 35 9.52 2.75 2.50
CA ASN A 35 8.29 2.37 1.79
C ASN A 35 7.41 1.40 2.60
N CYS A 36 7.16 1.75 3.86
CA CYS A 36 6.36 0.90 4.73
C CYS A 36 4.92 1.38 4.71
N VAL A 37 3.99 0.46 4.45
CA VAL A 37 2.58 0.79 4.27
C VAL A 37 1.77 -0.13 5.16
N PHE A 38 0.97 0.47 6.03
CA PHE A 38 -0.02 -0.23 6.84
C PHE A 38 -1.38 -0.10 6.15
N THR A 39 -2.02 -1.22 5.86
CA THR A 39 -3.35 -1.22 5.22
C THR A 39 -4.33 -1.96 6.10
N PHE A 40 -5.56 -1.44 6.21
CA PHE A 40 -6.59 -2.13 7.01
C PHE A 40 -7.98 -1.87 6.45
N THR A 41 -8.92 -2.76 6.81
CA THR A 41 -10.33 -2.53 6.54
C THR A 41 -11.03 -2.02 7.79
N ASP A 42 -12.13 -1.32 7.59
CA ASP A 42 -12.99 -0.86 8.66
C ASP A 42 -14.26 -1.71 8.73
N PRO A 43 -15.11 -1.53 9.75
CA PRO A 43 -16.31 -2.40 9.84
C PRO A 43 -17.26 -2.31 8.65
N LYS A 44 -17.23 -1.24 7.86
CA LYS A 44 -18.05 -1.19 6.66
C LYS A 44 -17.36 -1.86 5.46
N GLY A 45 -16.13 -2.34 5.62
CA GLY A 45 -15.43 -3.05 4.57
C GLY A 45 -14.56 -2.19 3.66
N SER A 46 -14.42 -0.90 3.94
CA SER A 46 -13.60 -0.03 3.10
C SER A 46 -12.13 -0.15 3.48
N LEU A 47 -11.26 0.13 2.51
CA LEU A 47 -9.81 0.07 2.68
C LEU A 47 -9.26 1.40 3.19
N HIS A 48 -8.24 1.32 4.05
CA HIS A 48 -7.48 2.50 4.46
C HIS A 48 -6.00 2.14 4.42
N SER A 49 -5.16 3.09 4.03
CA SER A 49 -3.72 2.86 3.97
C SER A 49 -3.01 4.06 4.57
N ILE A 50 -1.82 3.84 5.12
CA ILE A 50 -1.01 4.95 5.62
C ILE A 50 0.45 4.54 5.60
N ASP A 51 1.31 5.49 5.22
CA ASP A 51 2.75 5.25 5.24
C ASP A 51 3.27 5.34 6.67
N VAL A 52 3.84 4.26 7.17
CA VAL A 52 4.33 4.21 8.54
C VAL A 52 5.85 4.08 8.59
N THR A 53 6.53 4.41 7.49
CA THR A 53 7.99 4.29 7.44
C THR A 53 8.69 4.99 8.60
N GLU A 54 8.33 6.25 8.86
CA GLU A 54 9.05 7.01 9.87
C GLU A 54 8.71 6.51 11.28
N VAL A 55 7.45 6.11 11.51
CA VAL A 55 7.11 5.44 12.77
C VAL A 55 8.08 4.31 13.03
N LEU A 56 8.36 3.50 12.02
CA LEU A 56 9.24 2.36 12.23
C LEU A 56 10.69 2.82 12.40
N ASN A 57 11.15 3.75 11.56
CA ASN A 57 12.50 4.30 11.72
C ASN A 57 12.68 4.90 13.12
N ASN A 58 11.67 5.62 13.61
CA ASN A 58 11.78 6.21 14.94
C ASN A 58 11.83 5.15 16.02
N MET A 59 11.14 4.01 15.80
CA MET A 59 11.17 2.95 16.79
C MET A 59 12.57 2.34 16.90
N ALA A 60 13.23 2.09 15.77
CA ALA A 60 14.61 1.59 15.83
C ALA A 60 15.54 2.62 16.45
N LYS A 61 15.39 3.89 16.09
CA LYS A 61 16.27 4.91 16.64
C LYS A 61 16.05 5.13 18.12
N GLY A 62 14.90 4.70 18.64
CA GLY A 62 14.66 4.77 20.07
C GLY A 62 15.63 3.96 20.90
N PHE A 63 16.33 3.00 20.28
CA PHE A 63 17.29 2.17 20.99
C PHE A 63 18.72 2.73 20.93
N ARG A 64 18.88 3.96 20.45
CA ARG A 64 20.21 4.54 20.26
C ARG A 64 21.06 4.48 21.51
N ASP A 65 20.47 4.85 22.64
CA ASP A 65 21.20 5.01 23.90
C ASP A 65 21.28 3.72 24.71
N ALA A 66 20.75 2.62 24.19
CA ALA A 66 20.75 1.37 24.93
C ALA A 66 22.16 0.90 25.20
N GLN A 67 22.42 0.66 26.47
CA GLN A 67 23.73 0.21 26.91
C GLN A 67 23.93 -1.25 26.48
N ASN A 68 22.91 -2.05 26.72
CA ASN A 68 22.75 -3.41 26.23
C ASN A 68 21.81 -3.34 25.03
N PRO A 69 22.35 -3.19 23.82
CA PRO A 69 21.52 -2.95 22.66
C PRO A 69 20.82 -4.22 22.19
N PRO A 70 19.50 -4.19 22.07
CA PRO A 70 18.77 -5.34 21.51
C PRO A 70 18.99 -5.50 20.01
N SER A 71 18.78 -6.73 19.54
CA SER A 71 18.87 -7.00 18.11
C SER A 71 17.51 -7.10 17.45
N SER A 72 16.44 -6.77 18.19
CA SER A 72 15.11 -6.77 17.61
C SER A 72 14.26 -5.74 18.34
N PHE A 73 13.10 -5.43 17.75
CA PHE A 73 12.05 -4.75 18.49
C PHE A 73 10.72 -5.29 17.99
N THR A 74 9.74 -5.31 18.89
CA THR A 74 8.43 -5.91 18.59
C THR A 74 7.34 -4.85 18.73
N LEU A 75 6.43 -4.79 17.75
CA LEU A 75 5.41 -3.72 17.70
C LEU A 75 4.41 -3.72 18.85
N GLY A 76 3.97 -4.88 19.28
CA GLY A 76 2.85 -4.87 20.23
C GLY A 76 2.87 -3.84 21.33
N GLY A 77 4.05 -3.56 21.90
CA GLY A 77 4.16 -2.65 23.05
C GLY A 77 4.68 -3.40 24.26
N HIS A 78 3.83 -3.60 25.27
CA HIS A 78 4.23 -4.42 26.45
C HIS A 78 3.56 -5.78 26.30
N CYS A 79 2.40 -5.84 25.63
CA CYS A 79 1.67 -7.10 25.41
C CYS A 79 1.87 -7.60 23.97
N GLN A 80 2.95 -7.21 23.31
CA GLN A 80 3.24 -7.68 21.92
C GLN A 80 1.92 -7.81 21.15
N ALA A 81 1.04 -6.81 21.27
CA ALA A 81 -0.25 -6.76 20.58
C ALA A 81 -0.12 -7.20 19.11
N PRO A 82 -0.87 -8.22 18.72
CA PRO A 82 -0.80 -8.71 17.33
C PRO A 82 -1.29 -7.65 16.35
N LEU A 83 -0.79 -7.76 15.12
CA LEU A 83 -1.20 -6.84 14.06
C LEU A 83 -2.70 -6.86 13.87
N ASN A 84 -3.31 -5.69 13.95
CA ASN A 84 -4.75 -5.54 13.73
C ASN A 84 -5.00 -4.14 13.21
N ALA A 85 -6.28 -3.80 13.02
CA ALA A 85 -6.62 -2.52 12.42
C ALA A 85 -6.12 -1.32 13.22
N PHE A 86 -5.71 -1.52 14.48
CA PHE A 86 -5.29 -0.41 15.33
C PHE A 86 -3.79 -0.34 15.53
N SER A 87 -3.01 -1.15 14.78
CA SER A 87 -1.58 -1.22 15.06
C SER A 87 -0.86 0.09 14.76
N PHE A 88 -1.36 0.87 13.82
CA PHE A 88 -0.84 2.20 13.54
C PHE A 88 -2.03 3.13 13.39
N VAL A 89 -1.89 4.37 13.85
CA VAL A 89 -2.99 5.31 13.84
C VAL A 89 -3.03 6.05 12.51
N LEU A 90 -4.19 6.06 11.90
CA LEU A 90 -4.50 6.93 10.78
C LEU A 90 -5.48 7.96 11.31
N PRO A 91 -5.08 9.22 11.50
CA PRO A 91 -5.98 10.20 12.12
C PRO A 91 -7.29 10.33 11.36
N GLY A 92 -8.39 10.36 12.11
CA GLY A 92 -9.71 10.43 11.53
C GLY A 92 -10.37 9.09 11.26
N VAL A 93 -9.63 7.98 11.31
CA VAL A 93 -10.20 6.69 10.97
C VAL A 93 -10.21 5.74 12.16
N ASN A 94 -9.04 5.51 12.77
CA ASN A 94 -8.91 4.48 13.79
C ASN A 94 -8.27 5.02 15.06
N ASP A 95 -8.18 6.34 15.21
CA ASP A 95 -7.65 6.96 16.39
C ASP A 95 -8.69 6.89 17.50
N ARG A 96 -8.25 7.11 18.74
CA ARG A 96 -9.20 6.87 19.82
C ARG A 96 -10.20 8.02 19.99
N ALA A 97 -9.99 9.15 19.32
CA ALA A 97 -11.06 10.13 19.19
C ALA A 97 -12.20 9.61 18.29
N THR A 98 -11.86 8.88 17.23
CA THR A 98 -12.87 8.33 16.32
C THR A 98 -13.44 7.02 16.81
N VAL A 99 -12.64 6.22 17.49
CA VAL A 99 -13.10 4.97 18.09
C VAL A 99 -12.74 5.07 19.57
N ALA A 100 -13.71 5.46 20.39
CA ALA A 100 -13.45 5.91 21.76
C ALA A 100 -13.88 4.91 22.82
N THR A 101 -14.05 3.65 22.46
CA THR A 101 -14.59 2.64 23.37
C THR A 101 -13.99 1.29 23.02
N ALA A 102 -13.82 0.44 24.04
CA ALA A 102 -13.48 -0.95 23.78
C ALA A 102 -14.63 -1.69 23.09
N ASP A 103 -15.87 -1.28 23.36
CA ASP A 103 -17.01 -1.83 22.62
C ASP A 103 -17.00 -1.33 21.18
N GLU A 104 -16.77 -0.03 20.99
CA GLU A 104 -16.69 0.48 19.62
C GLU A 104 -15.56 -0.19 18.86
N ALA A 105 -14.45 -0.47 19.55
CA ALA A 105 -13.34 -1.17 18.91
C ALA A 105 -13.64 -2.65 18.69
N LYS A 106 -14.65 -3.21 19.37
CA LYS A 106 -15.00 -4.61 19.17
C LYS A 106 -15.49 -4.88 17.75
N LYS A 107 -16.16 -3.90 17.14
CA LYS A 107 -16.66 -4.05 15.78
C LYS A 107 -15.54 -4.25 14.78
N TRP A 108 -14.31 -3.85 15.10
CA TRP A 108 -13.18 -3.95 14.19
C TRP A 108 -12.38 -5.25 14.38
N GLU A 109 -12.95 -6.23 15.06
CA GLU A 109 -12.15 -7.37 15.49
C GLU A 109 -11.80 -8.30 14.33
N ASN A 110 -12.67 -8.41 13.33
CA ASN A 110 -12.39 -9.24 12.16
C ASN A 110 -12.03 -8.43 10.92
N CYS A 111 -11.67 -7.16 11.09
CA CYS A 111 -11.15 -6.40 9.96
C CYS A 111 -9.75 -6.87 9.62
N ASP A 112 -9.44 -6.90 8.33
CA ASP A 112 -8.11 -7.31 7.90
C ASP A 112 -7.10 -6.19 8.14
N ALA A 113 -5.82 -6.56 8.18
CA ALA A 113 -4.73 -5.60 8.33
C ALA A 113 -3.45 -6.23 7.80
N THR A 114 -2.66 -5.45 7.07
CA THR A 114 -1.36 -5.91 6.59
C THR A 114 -0.32 -4.81 6.81
N LEU A 115 0.95 -5.23 6.88
CA LEU A 115 2.08 -4.32 6.99
C LEU A 115 3.17 -4.79 6.04
N THR A 116 3.49 -3.99 5.04
CA THR A 116 4.52 -4.32 4.08
C THR A 116 5.54 -3.19 4.01
N GLY A 117 6.78 -3.54 3.63
CA GLY A 117 7.81 -2.53 3.54
C GLY A 117 9.18 -3.16 3.30
N LEU A 118 10.20 -2.32 3.37
CA LEU A 118 11.57 -2.76 3.23
C LEU A 118 12.39 -2.35 4.45
N GLN A 119 13.32 -3.21 4.85
CA GLN A 119 14.23 -2.97 5.97
C GLN A 119 15.66 -3.29 5.55
N ARG A 120 16.61 -2.68 6.26
CA ARG A 120 18.03 -2.93 6.06
C ARG A 120 18.77 -2.41 7.28
N ILE A 121 20.08 -2.67 7.32
CA ILE A 121 20.95 -2.17 8.37
C ILE A 121 22.09 -1.39 7.74
N ILE A 122 22.49 -0.30 8.39
CA ILE A 122 23.50 0.58 7.83
C ILE A 122 24.67 0.65 8.80
N GLY B 6 8.47 17.89 -10.53
CA GLY B 6 8.30 17.30 -9.22
C GLY B 6 7.24 16.21 -9.16
N TRP B 7 7.42 15.24 -8.26
CA TRP B 7 6.45 14.17 -8.11
C TRP B 7 5.20 14.69 -7.41
N SER B 8 4.03 14.31 -7.92
CA SER B 8 2.73 14.70 -7.37
C SER B 8 1.93 13.46 -6.97
N PRO B 9 1.46 13.38 -5.74
CA PRO B 9 0.69 12.19 -5.33
C PRO B 9 -0.71 12.20 -5.91
N PHE B 10 -1.24 11.00 -6.12
CA PHE B 10 -2.59 10.82 -6.61
C PHE B 10 -3.24 9.69 -5.83
N LYS B 11 -4.57 9.69 -5.84
CA LYS B 11 -5.35 8.69 -5.13
C LYS B 11 -6.68 8.53 -5.83
N TYR B 12 -7.07 7.28 -6.11
CA TYR B 12 -8.35 6.96 -6.69
C TYR B 12 -9.00 5.84 -5.88
N SER B 13 -10.33 5.80 -5.92
CA SER B 13 -11.08 4.80 -5.19
C SER B 13 -12.05 4.10 -6.13
N LYS B 14 -12.72 3.09 -5.58
CA LYS B 14 -13.61 2.24 -6.34
C LYS B 14 -14.66 3.07 -7.06
N GLY B 15 -14.83 2.80 -8.35
CA GLY B 15 -15.81 3.47 -9.16
C GLY B 15 -15.33 4.74 -9.81
N ASN B 16 -14.16 5.26 -9.44
CA ASN B 16 -13.61 6.43 -10.09
C ASN B 16 -13.22 6.12 -11.54
N THR B 17 -13.49 7.05 -12.43
CA THR B 17 -12.75 7.10 -13.69
C THR B 17 -11.32 7.54 -13.39
N VAL B 18 -10.34 6.76 -13.81
CA VAL B 18 -8.93 7.04 -13.48
C VAL B 18 -8.28 7.64 -14.72
N THR B 19 -8.15 8.97 -14.82
CA THR B 19 -7.45 9.54 -15.96
C THR B 19 -6.23 10.29 -15.46
N PHE B 20 -5.10 10.03 -16.11
CA PHE B 20 -3.86 10.73 -15.80
C PHE B 20 -3.62 11.76 -16.88
N LYS B 21 -3.27 12.98 -16.48
CA LYS B 21 -3.24 14.12 -17.38
C LYS B 21 -2.01 14.97 -17.06
N THR B 22 -1.33 15.44 -18.09
CA THR B 22 -0.20 16.32 -17.88
C THR B 22 -0.72 17.71 -17.50
N PRO B 23 0.01 18.45 -16.67
CA PRO B 23 -0.51 19.73 -16.18
C PRO B 23 -0.46 20.84 -17.20
N ASP B 24 0.24 20.66 -18.33
CA ASP B 24 0.43 21.73 -19.30
C ASP B 24 -0.01 21.33 -20.70
N GLU B 25 -0.82 20.28 -20.83
CA GLU B 25 -1.28 19.76 -22.13
C GLU B 25 -0.16 19.25 -23.01
N SER B 26 0.99 18.90 -22.44
CA SER B 26 2.02 18.22 -23.21
C SER B 26 1.68 16.74 -23.35
N SER B 27 2.48 16.02 -24.12
CA SER B 27 2.18 14.64 -24.48
C SER B 27 2.28 13.69 -23.29
N ILE B 28 1.28 12.81 -23.19
CA ILE B 28 1.17 11.88 -22.07
C ILE B 28 2.30 10.85 -22.09
N ALA B 29 2.95 10.68 -23.23
CA ALA B 29 4.06 9.74 -23.36
C ALA B 29 5.25 10.11 -22.48
N TYR B 30 5.28 11.30 -21.90
CA TYR B 30 6.38 11.70 -21.02
C TYR B 30 6.03 11.63 -19.55
N MET B 31 4.83 11.18 -19.21
CA MET B 31 4.50 10.99 -17.80
C MET B 31 5.20 9.75 -17.26
N ARG B 32 5.65 9.84 -16.02
CA ARG B 32 6.32 8.72 -15.37
C ARG B 32 5.74 8.59 -13.97
N PHE B 33 5.95 7.41 -13.40
CA PHE B 33 5.24 7.01 -12.19
C PHE B 33 6.24 6.44 -11.19
N ARG B 34 5.92 6.57 -9.91
CA ARG B 34 6.76 6.05 -8.85
C ARG B 34 5.87 5.53 -7.73
N ASN B 35 6.30 4.44 -7.08
CA ASN B 35 5.64 3.92 -5.87
C ASN B 35 4.12 3.82 -6.00
N CYS B 36 3.66 3.19 -7.09
CA CYS B 36 2.22 3.03 -7.29
C CYS B 36 1.75 1.71 -6.71
N VAL B 37 0.68 1.76 -5.93
CA VAL B 37 0.18 0.60 -5.20
C VAL B 37 -1.31 0.48 -5.46
N PHE B 38 -1.73 -0.68 -5.98
CA PHE B 38 -3.12 -1.05 -6.15
C PHE B 38 -3.49 -2.00 -5.01
N THR B 39 -4.56 -1.70 -4.31
CA THR B 39 -5.01 -2.50 -3.18
C THR B 39 -6.49 -2.81 -3.38
N PHE B 40 -6.90 -4.04 -3.06
CA PHE B 40 -8.30 -4.42 -3.21
C PHE B 40 -8.68 -5.46 -2.17
N THR B 41 -9.98 -5.61 -1.95
CA THR B 41 -10.52 -6.65 -1.08
C THR B 41 -11.02 -7.81 -1.96
N ASP B 42 -11.04 -9.01 -1.42
CA ASP B 42 -11.64 -10.15 -2.10
C ASP B 42 -13.01 -10.47 -1.48
N PRO B 43 -13.80 -11.38 -2.10
CA PRO B 43 -15.13 -11.69 -1.55
C PRO B 43 -15.15 -12.16 -0.11
N LYS B 44 -14.05 -12.72 0.40
CA LYS B 44 -13.93 -13.12 1.81
C LYS B 44 -13.57 -11.95 2.71
N GLY B 45 -13.32 -10.76 2.16
CA GLY B 45 -12.94 -9.60 2.94
C GLY B 45 -11.46 -9.42 3.18
N SER B 46 -10.59 -10.26 2.59
CA SER B 46 -9.16 -10.15 2.82
C SER B 46 -8.54 -9.10 1.89
N LEU B 47 -7.44 -8.52 2.38
CA LEU B 47 -6.69 -7.47 1.72
C LEU B 47 -5.69 -8.05 0.72
N HIS B 48 -5.48 -7.33 -0.37
CA HIS B 48 -4.43 -7.66 -1.33
C HIS B 48 -3.80 -6.37 -1.87
N SER B 49 -2.46 -6.36 -2.04
CA SER B 49 -1.75 -5.23 -2.65
C SER B 49 -0.75 -5.68 -3.71
N ILE B 50 -0.54 -4.82 -4.74
CA ILE B 50 0.42 -5.05 -5.83
C ILE B 50 1.08 -3.72 -6.15
N ASP B 51 2.40 -3.74 -6.38
CA ASP B 51 3.06 -2.60 -7.00
C ASP B 51 2.73 -2.58 -8.49
N VAL B 52 2.06 -1.52 -8.95
CA VAL B 52 1.75 -1.38 -10.37
C VAL B 52 2.48 -0.21 -11.02
N THR B 53 3.62 0.20 -10.44
CA THR B 53 4.35 1.34 -10.97
C THR B 53 4.76 1.12 -12.42
N GLU B 54 5.25 -0.07 -12.75
CA GLU B 54 5.78 -0.25 -14.09
C GLU B 54 4.67 -0.48 -15.11
N VAL B 55 3.59 -1.14 -14.70
CA VAL B 55 2.40 -1.24 -15.56
C VAL B 55 2.00 0.15 -16.03
N LEU B 56 1.95 1.11 -15.10
CA LEU B 56 1.54 2.47 -15.45
C LEU B 56 2.59 3.18 -16.32
N ASN B 57 3.88 3.02 -15.99
CA ASN B 57 4.92 3.56 -16.87
C ASN B 57 4.79 3.00 -18.28
N ASN B 58 4.47 1.70 -18.39
CA ASN B 58 4.41 1.10 -19.73
C ASN B 58 3.23 1.65 -20.52
N MET B 59 2.13 2.01 -19.85
CA MET B 59 0.98 2.59 -20.53
C MET B 59 1.34 3.96 -21.11
N ALA B 60 1.96 4.82 -20.29
CA ALA B 60 2.40 6.13 -20.78
C ALA B 60 3.39 5.96 -21.92
N LYS B 61 4.35 5.04 -21.75
CA LYS B 61 5.34 4.78 -22.80
C LYS B 61 4.68 4.19 -24.04
N GLY B 62 3.54 3.53 -23.86
CA GLY B 62 2.83 2.97 -25.00
C GLY B 62 2.38 4.03 -25.99
N PHE B 63 2.40 5.30 -25.60
CA PHE B 63 1.99 6.38 -26.48
C PHE B 63 3.15 6.99 -27.25
N ARG B 64 4.35 6.45 -27.10
CA ARG B 64 5.55 7.06 -27.66
C ARG B 64 5.41 7.36 -29.15
N ASP B 65 5.00 6.37 -29.94
CA ASP B 65 4.99 6.51 -31.39
C ASP B 65 3.62 6.89 -31.94
N ALA B 66 2.69 7.33 -31.08
CA ALA B 66 1.36 7.69 -31.55
C ALA B 66 1.42 8.95 -32.39
N GLN B 67 0.52 9.04 -33.37
CA GLN B 67 0.56 10.13 -34.35
C GLN B 67 0.24 11.47 -33.71
N ASN B 68 -0.92 11.57 -33.04
CA ASN B 68 -1.33 12.79 -32.35
C ASN B 68 -1.47 12.43 -30.88
N PRO B 69 -0.37 12.39 -30.14
CA PRO B 69 -0.44 11.93 -28.75
C PRO B 69 -1.35 12.82 -27.93
N PRO B 70 -2.17 12.22 -27.07
CA PRO B 70 -3.03 13.00 -26.19
C PRO B 70 -2.24 13.49 -24.98
N SER B 71 -2.86 14.40 -24.23
CA SER B 71 -2.29 14.86 -22.98
C SER B 71 -2.81 14.09 -21.78
N SER B 72 -3.56 13.01 -22.00
CA SER B 72 -4.08 12.22 -20.90
C SER B 72 -4.28 10.79 -21.38
N PHE B 73 -4.39 9.85 -20.43
CA PHE B 73 -4.97 8.54 -20.70
C PHE B 73 -5.81 8.09 -19.51
N THR B 74 -6.75 7.18 -19.79
CA THR B 74 -7.76 6.76 -18.83
C THR B 74 -7.76 5.24 -18.77
N LEU B 75 -7.67 4.69 -17.57
CA LEU B 75 -7.66 3.26 -17.41
C LEU B 75 -8.86 2.63 -18.12
N GLY B 76 -8.61 1.56 -18.86
CA GLY B 76 -9.60 0.95 -19.70
C GLY B 76 -9.05 0.73 -21.08
N GLY B 77 -9.91 0.21 -21.94
CA GLY B 77 -9.56 -0.01 -23.33
C GLY B 77 -10.19 1.06 -24.20
N HIS B 78 -10.92 0.64 -25.22
CA HIS B 78 -11.73 1.59 -25.97
C HIS B 78 -12.73 2.31 -25.06
N CYS B 79 -13.25 1.60 -24.05
CA CYS B 79 -14.14 2.13 -23.04
C CYS B 79 -13.37 2.32 -21.73
N GLN B 80 -13.67 3.39 -20.99
CA GLN B 80 -13.10 3.57 -19.66
C GLN B 80 -13.53 2.43 -18.74
N ALA B 81 -12.64 2.05 -17.83
CA ALA B 81 -12.90 0.97 -16.88
C ALA B 81 -12.78 1.52 -15.46
N PRO B 82 -13.90 1.89 -14.83
CA PRO B 82 -13.81 2.43 -13.46
C PRO B 82 -13.05 1.50 -12.54
N LEU B 83 -12.30 2.10 -11.62
CA LEU B 83 -11.48 1.33 -10.68
C LEU B 83 -12.33 0.28 -9.97
N ASN B 84 -11.83 -0.95 -9.94
CA ASN B 84 -12.48 -2.03 -9.23
C ASN B 84 -11.43 -3.08 -8.92
N ALA B 85 -11.86 -4.20 -8.33
CA ALA B 85 -10.94 -5.26 -7.93
C ALA B 85 -10.10 -5.80 -9.08
N PHE B 86 -10.52 -5.61 -10.33
CA PHE B 86 -9.82 -6.20 -11.47
C PHE B 86 -9.04 -5.18 -12.30
N SER B 87 -8.80 -3.98 -11.76
CA SER B 87 -8.15 -2.96 -12.57
C SER B 87 -6.69 -3.30 -12.88
N PHE B 88 -6.06 -4.14 -12.09
CA PHE B 88 -4.68 -4.60 -12.31
C PHE B 88 -4.63 -6.04 -11.84
N VAL B 89 -3.73 -6.82 -12.43
CA VAL B 89 -3.67 -8.26 -12.16
C VAL B 89 -2.69 -8.54 -11.02
N LEU B 90 -3.18 -9.21 -9.97
CA LEU B 90 -2.32 -9.84 -8.98
C LEU B 90 -2.35 -11.34 -9.24
N PRO B 91 -1.28 -11.94 -9.78
CA PRO B 91 -1.33 -13.35 -10.16
C PRO B 91 -1.70 -14.23 -8.98
N GLY B 92 -2.50 -15.26 -9.24
CA GLY B 92 -2.99 -16.12 -8.19
C GLY B 92 -4.22 -15.63 -7.46
N VAL B 93 -4.63 -14.37 -7.67
CA VAL B 93 -5.70 -13.80 -6.85
C VAL B 93 -6.89 -13.33 -7.70
N ASN B 94 -6.63 -12.44 -8.67
CA ASN B 94 -7.70 -11.89 -9.50
C ASN B 94 -7.42 -12.06 -11.00
N ASP B 95 -6.53 -12.96 -11.37
CA ASP B 95 -6.24 -13.16 -12.79
C ASP B 95 -7.24 -14.15 -13.39
N ARG B 96 -7.17 -14.34 -14.71
CA ARG B 96 -8.16 -15.13 -15.41
C ARG B 96 -8.11 -16.58 -15.00
N ALA B 97 -6.93 -17.09 -14.68
CA ALA B 97 -6.81 -18.48 -14.24
C ALA B 97 -7.57 -18.73 -12.94
N THR B 98 -7.58 -17.74 -12.05
CA THR B 98 -8.20 -17.87 -10.73
C THR B 98 -9.66 -17.46 -10.72
N VAL B 99 -10.01 -16.40 -11.45
CA VAL B 99 -11.40 -15.98 -11.62
C VAL B 99 -11.75 -16.20 -13.08
N ALA B 100 -12.26 -17.40 -13.38
CA ALA B 100 -12.27 -17.93 -14.75
C ALA B 100 -13.63 -17.85 -15.43
N THR B 101 -14.64 -17.24 -14.80
CA THR B 101 -15.93 -17.06 -15.45
C THR B 101 -16.46 -15.67 -15.12
N ALA B 102 -17.40 -15.21 -15.94
CA ALA B 102 -18.07 -13.94 -15.65
C ALA B 102 -18.93 -14.04 -14.40
N ASP B 103 -19.51 -15.21 -14.13
CA ASP B 103 -20.33 -15.37 -12.93
C ASP B 103 -19.50 -15.31 -11.66
N GLU B 104 -18.34 -15.96 -11.64
CA GLU B 104 -17.47 -15.86 -10.47
C GLU B 104 -17.04 -14.42 -10.23
N ALA B 105 -16.73 -13.68 -11.29
CA ALA B 105 -16.31 -12.29 -11.14
C ALA B 105 -17.36 -11.43 -10.45
N LYS B 106 -18.64 -11.85 -10.51
CA LYS B 106 -19.74 -11.11 -9.90
C LYS B 106 -19.68 -11.15 -8.37
N LYS B 107 -19.10 -12.18 -7.77
CA LYS B 107 -18.96 -12.16 -6.32
C LYS B 107 -18.07 -11.02 -5.85
N TRP B 108 -17.35 -10.35 -6.76
CA TRP B 108 -16.38 -9.32 -6.41
C TRP B 108 -16.91 -7.89 -6.60
N GLU B 109 -18.15 -7.71 -7.08
CA GLU B 109 -18.60 -6.37 -7.49
C GLU B 109 -18.56 -5.36 -6.35
N ASN B 110 -18.70 -5.81 -5.10
CA ASN B 110 -18.73 -4.90 -3.97
C ASN B 110 -17.43 -4.92 -3.16
N CYS B 111 -16.38 -5.54 -3.69
CA CYS B 111 -15.06 -5.41 -3.08
C CYS B 111 -14.50 -4.01 -3.30
N ASP B 112 -13.88 -3.46 -2.26
CA ASP B 112 -13.25 -2.16 -2.36
C ASP B 112 -11.96 -2.23 -3.16
N ALA B 113 -11.51 -1.06 -3.63
CA ALA B 113 -10.27 -0.96 -4.37
C ALA B 113 -9.76 0.47 -4.32
N THR B 114 -8.45 0.61 -4.15
CA THR B 114 -7.81 1.92 -4.20
C THR B 114 -6.54 1.83 -5.04
N LEU B 115 -6.17 2.98 -5.62
CA LEU B 115 -4.93 3.14 -6.37
C LEU B 115 -4.26 4.42 -5.89
N THR B 116 -3.01 4.31 -5.42
CA THR B 116 -2.26 5.45 -4.96
C THR B 116 -0.89 5.42 -5.60
N GLY B 117 -0.25 6.57 -5.68
CA GLY B 117 1.09 6.63 -6.23
C GLY B 117 1.50 8.06 -6.50
N LEU B 118 2.64 8.19 -7.20
CA LEU B 118 3.18 9.48 -7.63
C LEU B 118 3.35 9.53 -9.15
N GLN B 119 3.20 10.74 -9.70
CA GLN B 119 3.34 10.97 -11.12
C GLN B 119 4.11 12.26 -11.36
N ARG B 120 4.82 12.32 -12.48
CA ARG B 120 5.44 13.57 -12.93
C ARG B 120 5.61 13.50 -14.44
N ILE B 121 6.02 14.62 -15.02
CA ILE B 121 6.41 14.72 -16.41
C ILE B 121 7.92 14.89 -16.49
N ILE B 122 8.57 14.16 -17.39
CA ILE B 122 10.00 14.38 -17.59
C ILE B 122 10.30 14.96 -18.95
N GLY C 6 2.44 -24.65 14.19
CA GLY C 6 1.76 -23.58 13.48
C GLY C 6 2.53 -23.22 12.23
N TRP C 7 2.69 -21.92 12.00
CA TRP C 7 3.38 -21.45 10.82
C TRP C 7 4.88 -21.62 10.97
N SER C 8 5.52 -22.08 9.90
CA SER C 8 6.96 -22.29 9.88
C SER C 8 7.58 -21.44 8.77
N PRO C 9 8.63 -20.68 9.06
CA PRO C 9 9.27 -19.86 8.02
C PRO C 9 10.05 -20.70 7.04
N PHE C 10 10.20 -20.17 5.84
CA PHE C 10 11.11 -20.74 4.87
C PHE C 10 11.79 -19.59 4.13
N LYS C 11 12.96 -19.88 3.58
CA LYS C 11 13.67 -18.92 2.75
C LYS C 11 14.35 -19.69 1.64
N TYR C 12 14.37 -19.10 0.45
CA TYR C 12 15.05 -19.68 -0.70
C TYR C 12 15.88 -18.59 -1.35
N SER C 13 17.07 -18.94 -1.82
CA SER C 13 17.95 -17.99 -2.49
C SER C 13 18.15 -18.39 -3.94
N LYS C 14 18.66 -17.44 -4.73
CA LYS C 14 18.96 -17.70 -6.13
C LYS C 14 19.82 -18.94 -6.27
N GLY C 15 19.43 -19.83 -7.19
CA GLY C 15 20.08 -21.10 -7.40
C GLY C 15 19.40 -22.27 -6.71
N ASN C 16 18.64 -22.01 -5.65
CA ASN C 16 18.02 -23.08 -4.88
C ASN C 16 16.97 -23.80 -5.69
N THR C 17 16.93 -25.12 -5.53
CA THR C 17 15.78 -25.91 -5.95
C THR C 17 14.69 -25.72 -4.90
N VAL C 18 13.52 -25.26 -5.31
CA VAL C 18 12.46 -24.88 -4.38
C VAL C 18 11.44 -26.01 -4.33
N THR C 19 11.54 -26.84 -3.29
CA THR C 19 10.63 -27.96 -3.08
C THR C 19 9.88 -27.72 -1.77
N PHE C 20 8.58 -27.78 -1.84
CA PHE C 20 7.74 -27.69 -0.65
C PHE C 20 7.25 -29.11 -0.35
N LYS C 21 7.58 -29.60 0.85
CA LYS C 21 7.33 -30.98 1.26
C LYS C 21 6.64 -31.00 2.62
N THR C 22 5.64 -31.87 2.76
CA THR C 22 5.02 -32.07 4.10
C THR C 22 5.93 -32.99 4.90
N PRO C 23 6.14 -32.77 6.22
CA PRO C 23 7.10 -33.58 6.99
C PRO C 23 6.65 -35.03 7.22
N ASP C 24 5.38 -35.26 7.50
CA ASP C 24 4.89 -36.60 7.81
C ASP C 24 4.50 -37.41 6.56
N GLU C 25 5.03 -37.07 5.39
CA GLU C 25 4.70 -37.72 4.12
C GLU C 25 3.22 -37.61 3.76
N SER C 26 2.47 -36.76 4.45
CA SER C 26 1.06 -36.59 4.13
C SER C 26 0.92 -35.84 2.82
N SER C 27 -0.32 -35.69 2.35
CA SER C 27 -0.58 -35.07 1.06
C SER C 27 -0.18 -33.60 1.04
N ILE C 28 0.49 -33.19 -0.04
CA ILE C 28 0.87 -31.79 -0.19
C ILE C 28 -0.33 -30.87 -0.35
N ALA C 29 -1.52 -31.43 -0.63
CA ALA C 29 -2.73 -30.64 -0.83
C ALA C 29 -3.20 -29.92 0.44
N TYR C 30 -2.65 -30.25 1.59
CA TYR C 30 -3.02 -29.61 2.84
C TYR C 30 -2.00 -28.56 3.29
N MET C 31 -0.97 -28.35 2.50
CA MET C 31 0.00 -27.31 2.76
C MET C 31 -0.57 -25.96 2.31
N ARG C 32 -0.54 -24.97 3.21
CA ARG C 32 -0.98 -23.62 2.87
C ARG C 32 0.09 -22.63 3.30
N PHE C 33 -0.05 -21.38 2.86
CA PHE C 33 1.03 -20.40 2.88
C PHE C 33 0.52 -19.05 3.38
N ARG C 34 1.48 -18.24 3.85
CA ARG C 34 1.18 -16.92 4.38
C ARG C 34 2.41 -16.06 4.20
N ASN C 35 2.18 -14.77 3.89
CA ASN C 35 3.23 -13.75 3.85
C ASN C 35 4.40 -14.15 2.95
N CYS C 36 4.08 -14.77 1.82
CA CYS C 36 5.12 -15.19 0.88
C CYS C 36 5.43 -14.03 -0.04
N VAL C 37 6.70 -13.63 -0.07
CA VAL C 37 7.18 -12.47 -0.82
C VAL C 37 8.33 -12.95 -1.69
N PHE C 38 8.23 -12.70 -3.00
CA PHE C 38 9.27 -13.01 -3.95
C PHE C 38 9.96 -11.71 -4.35
N THR C 39 11.27 -11.65 -4.24
CA THR C 39 11.96 -10.40 -4.56
C THR C 39 13.09 -10.67 -5.55
N PHE C 40 13.25 -9.75 -6.51
CA PHE C 40 14.28 -9.89 -7.52
C PHE C 40 14.76 -8.51 -7.92
N THR C 41 15.93 -8.45 -8.56
CA THR C 41 16.35 -7.23 -9.22
C THR C 41 16.24 -7.38 -10.74
N ASP C 42 16.19 -6.23 -11.43
CA ASP C 42 16.14 -6.22 -12.88
C ASP C 42 17.55 -5.90 -13.40
N PRO C 43 17.80 -5.93 -14.72
CA PRO C 43 19.17 -5.67 -15.21
C PRO C 43 19.71 -4.30 -14.86
N LYS C 44 18.86 -3.33 -14.59
CA LYS C 44 19.33 -2.02 -14.14
C LYS C 44 19.66 -1.98 -12.65
N GLY C 45 19.42 -3.07 -11.93
CA GLY C 45 19.69 -3.11 -10.50
C GLY C 45 18.55 -2.67 -9.61
N SER C 46 17.39 -2.33 -10.16
CA SER C 46 16.25 -1.93 -9.34
C SER C 46 15.62 -3.16 -8.70
N LEU C 47 15.20 -3.01 -7.45
CA LEU C 47 14.59 -4.06 -6.66
C LEU C 47 13.07 -4.09 -6.86
N HIS C 48 12.52 -5.28 -7.04
CA HIS C 48 11.08 -5.46 -7.16
C HIS C 48 10.63 -6.57 -6.22
N SER C 49 9.38 -6.51 -5.78
CA SER C 49 8.83 -7.61 -4.99
C SER C 49 7.36 -7.81 -5.36
N ILE C 50 6.85 -8.99 -5.03
CA ILE C 50 5.47 -9.39 -5.31
C ILE C 50 5.04 -10.40 -4.26
N ASP C 51 3.78 -10.27 -3.80
CA ASP C 51 3.17 -11.24 -2.90
C ASP C 51 2.75 -12.44 -3.73
N VAL C 52 3.38 -13.59 -3.48
CA VAL C 52 3.09 -14.82 -4.20
C VAL C 52 2.38 -15.84 -3.32
N THR C 53 1.85 -15.40 -2.16
CA THR C 53 1.15 -16.31 -1.24
C THR C 53 0.08 -17.15 -1.95
N GLU C 54 -0.82 -16.49 -2.68
CA GLU C 54 -1.92 -17.23 -3.26
C GLU C 54 -1.46 -18.06 -4.45
N VAL C 55 -0.40 -17.61 -5.16
CA VAL C 55 0.18 -18.47 -6.18
C VAL C 55 0.59 -19.81 -5.59
N LEU C 56 1.22 -19.80 -4.42
CA LEU C 56 1.65 -21.05 -3.80
C LEU C 56 0.46 -21.82 -3.21
N ASN C 57 -0.50 -21.11 -2.62
CA ASN C 57 -1.70 -21.80 -2.12
C ASN C 57 -2.42 -22.51 -3.26
N ASN C 58 -2.46 -21.88 -4.45
CA ASN C 58 -3.13 -22.48 -5.59
C ASN C 58 -2.40 -23.73 -6.06
N MET C 59 -1.07 -23.71 -5.99
CA MET C 59 -0.30 -24.86 -6.46
C MET C 59 -0.59 -26.08 -5.59
N ALA C 60 -0.64 -25.89 -4.28
CA ALA C 60 -1.03 -26.95 -3.35
C ALA C 60 -2.50 -27.34 -3.52
N LYS C 61 -3.40 -26.36 -3.68
CA LYS C 61 -4.82 -26.69 -3.84
C LYS C 61 -5.05 -27.52 -5.10
N GLY C 62 -4.16 -27.39 -6.09
CA GLY C 62 -4.24 -28.16 -7.32
C GLY C 62 -4.09 -29.67 -7.14
N PHE C 63 -3.76 -30.12 -5.93
CA PHE C 63 -3.72 -31.55 -5.63
C PHE C 63 -4.91 -32.03 -4.78
N ARG C 64 -5.89 -31.17 -4.55
CA ARG C 64 -7.07 -31.58 -3.77
C ARG C 64 -7.90 -32.66 -4.49
N ASP C 65 -7.92 -32.64 -5.81
CA ASP C 65 -8.67 -33.62 -6.58
C ASP C 65 -7.84 -34.86 -6.90
N ALA C 66 -6.59 -34.90 -6.42
CA ALA C 66 -5.65 -35.94 -6.79
C ALA C 66 -6.04 -37.28 -6.20
N GLN C 67 -6.25 -38.26 -7.08
CA GLN C 67 -6.40 -39.65 -6.68
C GLN C 67 -5.24 -40.10 -5.79
N ASN C 68 -4.00 -39.83 -6.24
CA ASN C 68 -2.79 -40.33 -5.58
C ASN C 68 -1.85 -39.17 -5.32
N PRO C 69 -2.18 -38.27 -4.38
CA PRO C 69 -1.47 -37.00 -4.29
C PRO C 69 -0.03 -37.20 -3.80
N PRO C 70 0.90 -36.36 -4.27
CA PRO C 70 2.28 -36.45 -3.77
C PRO C 70 2.39 -35.78 -2.41
N SER C 71 3.56 -35.91 -1.81
CA SER C 71 3.87 -35.23 -0.56
C SER C 71 4.66 -33.96 -0.78
N SER C 72 4.82 -33.53 -2.02
CA SER C 72 5.60 -32.34 -2.32
C SER C 72 5.24 -31.81 -3.70
N PHE C 73 5.63 -30.56 -3.95
CA PHE C 73 5.70 -30.04 -5.31
C PHE C 73 6.98 -29.21 -5.42
N THR C 74 7.48 -29.08 -6.65
CA THR C 74 8.71 -28.35 -6.90
C THR C 74 8.45 -27.26 -7.93
N LEU C 75 9.03 -26.07 -7.73
CA LEU C 75 8.90 -24.96 -8.70
C LEU C 75 9.59 -25.40 -10.00
N GLY C 76 8.82 -25.52 -11.08
CA GLY C 76 9.35 -26.05 -12.36
C GLY C 76 8.82 -27.45 -12.63
N GLY C 77 8.55 -28.23 -11.59
CA GLY C 77 7.94 -29.56 -11.72
C GLY C 77 8.96 -30.65 -12.02
N HIS C 78 8.60 -31.60 -12.90
CA HIS C 78 9.53 -32.69 -13.30
C HIS C 78 10.98 -32.28 -13.53
N CYS C 79 11.21 -31.20 -14.28
CA CYS C 79 12.53 -30.53 -14.24
C CYS C 79 12.39 -29.28 -13.37
N GLN C 80 13.10 -29.25 -12.26
CA GLN C 80 13.02 -28.13 -11.30
C GLN C 80 13.60 -26.82 -11.82
N ALA C 81 12.75 -25.83 -12.08
CA ALA C 81 13.24 -24.48 -12.44
C ALA C 81 13.88 -23.88 -11.18
N PRO C 82 15.21 -23.69 -11.13
CA PRO C 82 15.87 -23.25 -9.92
C PRO C 82 15.47 -21.78 -9.73
N LEU C 83 15.52 -21.30 -8.48
CA LEU C 83 14.97 -19.98 -8.22
C LEU C 83 15.77 -18.92 -8.95
N ASN C 84 15.06 -18.06 -9.68
CA ASN C 84 15.67 -17.02 -10.48
C ASN C 84 14.69 -15.86 -10.59
N ALA C 85 15.13 -14.79 -11.26
CA ALA C 85 14.35 -13.58 -11.35
C ALA C 85 12.97 -13.79 -11.99
N PHE C 86 12.75 -14.92 -12.66
CA PHE C 86 11.50 -15.21 -13.36
C PHE C 86 10.67 -16.29 -12.68
N SER C 87 10.98 -16.63 -11.42
CA SER C 87 10.26 -17.72 -10.76
C SER C 87 8.81 -17.36 -10.49
N PHE C 88 8.50 -16.08 -10.30
CA PHE C 88 7.11 -15.62 -10.19
C PHE C 88 6.98 -14.35 -11.00
N VAL C 89 5.81 -14.12 -11.60
CA VAL C 89 5.63 -12.95 -12.47
C VAL C 89 5.17 -11.74 -11.66
N LEU C 90 5.81 -10.61 -11.92
CA LEU C 90 5.31 -9.30 -11.52
C LEU C 90 4.93 -8.55 -12.79
N PRO C 91 3.63 -8.39 -13.07
CA PRO C 91 3.21 -7.76 -14.32
C PRO C 91 3.80 -6.37 -14.53
N GLY C 92 4.22 -6.12 -15.77
CA GLY C 92 4.93 -4.92 -16.12
C GLY C 92 6.44 -5.01 -15.97
N VAL C 93 6.95 -6.01 -15.26
CA VAL C 93 8.38 -6.01 -14.94
C VAL C 93 9.10 -7.21 -15.52
N ASN C 94 8.71 -8.43 -15.13
CA ASN C 94 9.44 -9.61 -15.60
C ASN C 94 8.56 -10.61 -16.35
N ASP C 95 7.37 -10.20 -16.77
CA ASP C 95 6.52 -11.09 -17.57
C ASP C 95 7.10 -11.24 -18.98
N ARG C 96 6.78 -12.37 -19.62
CA ARG C 96 7.37 -12.63 -20.93
C ARG C 96 6.91 -11.63 -21.98
N ALA C 97 5.66 -11.15 -21.89
CA ALA C 97 5.16 -10.16 -22.83
C ALA C 97 5.98 -8.87 -22.78
N THR C 98 6.61 -8.58 -21.67
CA THR C 98 7.44 -7.37 -21.60
C THR C 98 8.91 -7.67 -21.95
N VAL C 99 9.47 -8.73 -21.38
CA VAL C 99 10.92 -9.01 -21.52
C VAL C 99 11.29 -9.73 -22.82
N ALA C 100 10.37 -10.48 -23.43
CA ALA C 100 10.78 -11.30 -24.60
C ALA C 100 11.57 -10.47 -25.62
N THR C 101 12.82 -10.88 -25.86
CA THR C 101 13.69 -10.21 -26.84
C THR C 101 14.76 -11.20 -27.29
N ALA C 105 17.34 -11.94 -22.17
CA ALA C 105 17.51 -13.10 -21.29
C ALA C 105 18.92 -13.12 -20.69
N LYS C 106 19.94 -13.04 -21.54
CA LYS C 106 21.31 -13.02 -21.05
C LYS C 106 21.58 -11.83 -20.15
N LYS C 107 20.78 -10.77 -20.26
CA LYS C 107 20.91 -9.62 -19.37
C LYS C 107 20.26 -9.84 -18.01
N TRP C 108 19.47 -10.90 -17.83
CA TRP C 108 18.82 -11.18 -16.57
C TRP C 108 19.53 -12.26 -15.75
N GLU C 109 20.63 -12.82 -16.25
CA GLU C 109 21.20 -14.05 -15.69
C GLU C 109 21.83 -13.83 -14.32
N ASN C 110 22.39 -12.65 -14.08
CA ASN C 110 22.97 -12.33 -12.79
C ASN C 110 22.06 -11.44 -11.95
N CYS C 111 20.76 -11.50 -12.21
CA CYS C 111 19.79 -10.79 -11.39
C CYS C 111 19.50 -11.61 -10.13
N ASP C 112 19.35 -10.90 -9.00
CA ASP C 112 19.08 -11.57 -7.73
C ASP C 112 17.66 -12.10 -7.67
N ALA C 113 17.45 -13.09 -6.80
CA ALA C 113 16.12 -13.62 -6.53
C ALA C 113 16.10 -14.24 -5.14
N THR C 114 15.06 -13.93 -4.36
CA THR C 114 14.85 -14.54 -3.05
C THR C 114 13.36 -14.78 -2.84
N LEU C 115 13.04 -15.84 -2.08
CA LEU C 115 11.66 -16.18 -1.76
C LEU C 115 11.58 -16.50 -0.27
N THR C 116 10.70 -15.79 0.44
CA THR C 116 10.47 -16.01 1.86
C THR C 116 8.98 -16.12 2.11
N GLY C 117 8.63 -16.81 3.19
CA GLY C 117 7.23 -16.88 3.59
C GLY C 117 7.07 -17.84 4.74
N LEU C 118 5.81 -18.06 5.11
CA LEU C 118 5.45 -19.05 6.10
C LEU C 118 4.63 -20.17 5.47
N GLN C 119 4.75 -21.37 6.04
CA GLN C 119 4.02 -22.54 5.58
C GLN C 119 3.51 -23.32 6.80
N ARG C 120 2.52 -24.17 6.56
CA ARG C 120 2.01 -25.09 7.58
C ARG C 120 1.05 -26.04 6.91
N ILE C 121 0.74 -27.13 7.63
CA ILE C 121 -0.26 -28.10 7.20
C ILE C 121 -1.56 -27.80 7.91
N ILE C 122 -2.66 -27.73 7.15
CA ILE C 122 -3.94 -27.42 7.76
C ILE C 122 -4.67 -28.70 8.09
N GLY D 6 -22.36 15.91 -8.71
CA GLY D 6 -21.30 14.95 -8.45
C GLY D 6 -20.12 15.55 -7.71
N TRP D 7 -19.04 14.79 -7.65
CA TRP D 7 -17.85 15.21 -6.93
C TRP D 7 -17.16 16.37 -7.66
N SER D 8 -16.67 17.33 -6.89
CA SER D 8 -15.95 18.49 -7.42
C SER D 8 -14.51 18.45 -6.92
N PRO D 9 -13.52 18.59 -7.78
CA PRO D 9 -12.14 18.67 -7.29
C PRO D 9 -11.82 20.03 -6.68
N PHE D 10 -10.91 20.01 -5.71
CA PHE D 10 -10.35 21.24 -5.15
C PHE D 10 -8.85 21.07 -5.00
N LYS D 11 -8.14 22.19 -4.87
CA LYS D 11 -6.69 22.15 -4.67
C LYS D 11 -6.26 23.39 -3.89
N TYR D 12 -5.47 23.19 -2.84
CA TYR D 12 -4.96 24.28 -2.03
C TYR D 12 -3.45 24.15 -1.93
N SER D 13 -2.77 25.30 -1.87
CA SER D 13 -1.31 25.35 -1.84
C SER D 13 -0.85 26.09 -0.59
N LYS D 14 0.44 25.92 -0.30
CA LYS D 14 1.09 26.56 0.86
C LYS D 14 0.66 28.01 1.00
N GLY D 15 0.23 28.37 2.21
CA GLY D 15 -0.18 29.72 2.49
C GLY D 15 -1.61 30.08 2.12
N ASN D 16 -2.35 29.19 1.46
CA ASN D 16 -3.76 29.44 1.21
C ASN D 16 -4.57 29.32 2.50
N THR D 17 -5.57 30.19 2.63
CA THR D 17 -6.59 30.04 3.64
C THR D 17 -7.59 29.03 3.11
N VAL D 18 -7.75 27.91 3.80
CA VAL D 18 -8.50 26.78 3.27
C VAL D 18 -9.92 26.87 3.82
N THR D 19 -10.86 27.26 2.97
CA THR D 19 -12.26 27.40 3.35
C THR D 19 -13.11 26.51 2.45
N PHE D 20 -13.89 25.65 3.06
CA PHE D 20 -14.81 24.79 2.33
C PHE D 20 -16.21 25.37 2.46
N LYS D 21 -16.88 25.64 1.34
CA LYS D 21 -18.13 26.38 1.35
C LYS D 21 -19.16 25.73 0.44
N THR D 22 -20.38 25.53 0.96
CA THR D 22 -21.44 25.02 0.11
C THR D 22 -21.74 26.03 -1.00
N PRO D 23 -22.33 25.59 -2.12
CA PRO D 23 -22.57 26.54 -3.21
C PRO D 23 -23.90 27.27 -3.11
N ASP D 24 -24.83 26.77 -2.28
CA ASP D 24 -26.17 27.36 -2.15
C ASP D 24 -26.41 27.95 -0.76
N GLU D 25 -25.34 28.27 -0.03
CA GLU D 25 -25.41 28.74 1.35
C GLU D 25 -26.14 27.76 2.28
N SER D 26 -26.27 26.49 1.88
CA SER D 26 -26.86 25.47 2.74
C SER D 26 -25.86 25.03 3.81
N SER D 27 -26.30 24.14 4.70
CA SER D 27 -25.49 23.72 5.82
C SER D 27 -24.24 22.95 5.38
N ILE D 28 -23.09 23.31 5.97
CA ILE D 28 -21.83 22.63 5.67
C ILE D 28 -21.80 21.22 6.24
N ALA D 29 -22.75 20.89 7.12
CA ALA D 29 -22.81 19.54 7.65
C ALA D 29 -23.15 18.49 6.60
N TYR D 30 -23.53 18.89 5.39
CA TYR D 30 -23.82 17.95 4.31
C TYR D 30 -22.68 17.85 3.31
N MET D 31 -21.56 18.54 3.54
CA MET D 31 -20.37 18.38 2.72
C MET D 31 -19.65 17.09 3.07
N ARG D 32 -19.30 16.31 2.04
CA ARG D 32 -18.51 15.10 2.25
C ARG D 32 -17.36 15.08 1.25
N PHE D 33 -16.39 14.23 1.53
CA PHE D 33 -15.11 14.30 0.85
C PHE D 33 -14.67 12.91 0.42
N ARG D 34 -13.77 12.89 -0.57
CA ARG D 34 -13.29 11.66 -1.15
C ARG D 34 -11.89 11.89 -1.68
N ASN D 35 -11.01 10.90 -1.49
CA ASN D 35 -9.65 10.92 -2.04
C ASN D 35 -8.90 12.22 -1.70
N CYS D 36 -8.94 12.60 -0.43
CA CYS D 36 -8.26 13.81 0.02
C CYS D 36 -6.86 13.45 0.50
N VAL D 37 -5.84 14.06 -0.10
CA VAL D 37 -4.45 13.74 0.22
C VAL D 37 -3.74 15.02 0.61
N PHE D 38 -3.12 15.01 1.77
CA PHE D 38 -2.28 16.12 2.22
C PHE D 38 -0.83 15.76 1.92
N THR D 39 -0.13 16.62 1.17
CA THR D 39 1.25 16.38 0.82
C THR D 39 2.12 17.53 1.30
N PHE D 40 3.28 17.19 1.85
CA PHE D 40 4.19 18.22 2.33
C PHE D 40 5.62 17.73 2.16
N THR D 41 6.55 18.69 2.16
CA THR D 41 7.96 18.42 2.17
C THR D 41 8.51 18.68 3.57
N ASP D 42 9.52 17.92 3.96
CA ASP D 42 10.20 18.15 5.23
C ASP D 42 11.44 19.02 5.00
N PRO D 43 12.11 19.48 6.07
CA PRO D 43 13.26 20.38 5.86
C PRO D 43 14.40 19.76 5.07
N LYS D 44 14.49 18.43 5.01
CA LYS D 44 15.51 17.73 4.23
C LYS D 44 15.11 17.54 2.77
N GLY D 45 13.91 17.98 2.37
CA GLY D 45 13.46 17.89 1.00
C GLY D 45 12.63 16.67 0.65
N SER D 46 12.45 15.73 1.58
CA SER D 46 11.71 14.52 1.27
C SER D 46 10.21 14.77 1.30
N LEU D 47 9.50 14.14 0.36
CA LEU D 47 8.08 14.32 0.16
C LEU D 47 7.33 13.38 1.09
N HIS D 48 6.21 13.86 1.67
CA HIS D 48 5.38 13.04 2.54
C HIS D 48 3.92 13.23 2.16
N SER D 49 3.09 12.19 2.33
CA SER D 49 1.67 12.36 2.06
C SER D 49 0.84 11.54 3.04
N ILE D 50 -0.41 11.98 3.22
CA ILE D 50 -1.39 11.34 4.10
C ILE D 50 -2.74 11.47 3.45
N ASP D 51 -3.57 10.43 3.57
CA ASP D 51 -5.00 10.50 3.28
C ASP D 51 -5.71 11.22 4.43
N VAL D 52 -6.29 12.38 4.15
CA VAL D 52 -7.01 13.15 5.16
C VAL D 52 -8.50 13.20 4.86
N THR D 53 -9.01 12.26 4.07
CA THR D 53 -10.43 12.27 3.68
C THR D 53 -11.35 12.28 4.90
N GLU D 54 -11.10 11.37 5.84
CA GLU D 54 -12.00 11.25 6.99
C GLU D 54 -11.80 12.38 8.00
N VAL D 55 -10.58 12.92 8.15
CA VAL D 55 -10.42 14.11 8.98
C VAL D 55 -11.38 15.20 8.51
N LEU D 56 -11.44 15.41 7.19
CA LEU D 56 -12.28 16.46 6.64
C LEU D 56 -13.77 16.10 6.75
N ASN D 57 -14.11 14.82 6.51
CA ASN D 57 -15.50 14.40 6.74
C ASN D 57 -15.91 14.66 8.17
N ASN D 58 -15.00 14.41 9.12
CA ASN D 58 -15.34 14.58 10.52
C ASN D 58 -15.53 16.04 10.90
N MET D 59 -14.80 16.96 10.24
CA MET D 59 -15.05 18.37 10.53
C MET D 59 -16.45 18.77 10.08
N ALA D 60 -16.81 18.44 8.84
CA ALA D 60 -18.16 18.69 8.37
C ALA D 60 -19.19 18.03 9.30
N LYS D 61 -18.93 16.80 9.76
CA LYS D 61 -19.89 16.11 10.60
C LYS D 61 -20.07 16.83 11.94
N GLY D 62 -19.04 17.54 12.41
CA GLY D 62 -19.17 18.26 13.66
C GLY D 62 -20.31 19.26 13.68
N PHE D 63 -20.83 19.62 12.51
CA PHE D 63 -21.93 20.58 12.42
C PHE D 63 -23.31 19.94 12.35
N ARG D 64 -23.40 18.61 12.45
CA ARG D 64 -24.70 17.96 12.33
C ARG D 64 -25.67 18.42 13.41
N ASP D 65 -25.19 18.54 14.64
CA ASP D 65 -26.08 18.87 15.73
C ASP D 65 -26.41 20.36 15.83
N ALA D 66 -25.83 21.20 14.97
CA ALA D 66 -25.98 22.65 15.14
C ALA D 66 -27.40 23.11 14.81
N GLN D 67 -27.92 24.02 15.64
CA GLN D 67 -29.23 24.61 15.35
C GLN D 67 -29.17 25.56 14.16
N ASN D 68 -28.11 26.36 14.08
CA ASN D 68 -27.91 27.30 12.98
C ASN D 68 -26.53 27.01 12.41
N PRO D 69 -26.37 25.97 11.61
CA PRO D 69 -25.08 25.59 11.09
C PRO D 69 -24.58 26.60 10.08
N PRO D 70 -23.28 26.80 9.93
CA PRO D 70 -22.76 27.72 8.93
C PRO D 70 -22.74 27.05 7.55
N SER D 71 -22.47 27.85 6.53
CA SER D 71 -22.34 27.31 5.19
C SER D 71 -20.91 26.99 4.83
N SER D 72 -19.96 27.19 5.76
CA SER D 72 -18.56 26.90 5.46
C SER D 72 -17.83 26.57 6.75
N PHE D 73 -16.65 25.95 6.59
CA PHE D 73 -15.68 25.89 7.68
C PHE D 73 -14.28 26.12 7.10
N THR D 74 -13.37 26.54 7.97
CA THR D 74 -12.03 26.96 7.59
C THR D 74 -11.01 26.22 8.45
N LEU D 75 -10.04 25.61 7.76
CA LEU D 75 -8.92 24.97 8.48
C LEU D 75 -8.32 26.07 9.36
N GLY D 76 -8.21 25.80 10.66
CA GLY D 76 -7.80 26.91 11.53
C GLY D 76 -7.19 26.50 12.83
N CYS D 79 -5.93 33.19 14.71
CA CYS D 79 -7.18 32.41 14.46
C CYS D 79 -6.91 31.33 13.41
N GLN D 80 -7.45 31.49 12.21
CA GLN D 80 -7.24 30.52 11.12
C GLN D 80 -5.75 30.52 10.72
N ALA D 81 -5.20 29.35 10.41
CA ALA D 81 -3.78 29.26 9.98
C ALA D 81 -3.75 28.84 8.51
N PRO D 82 -3.02 29.55 7.61
CA PRO D 82 -2.94 29.16 6.22
C PRO D 82 -2.25 27.78 6.06
N LEU D 83 -2.56 27.07 4.98
CA LEU D 83 -2.01 25.73 4.77
C LEU D 83 -0.50 25.74 4.92
N ASN D 84 0.00 24.80 5.69
CA ASN D 84 1.41 24.68 6.02
C ASN D 84 1.69 23.20 6.28
N ALA D 85 2.96 22.88 6.52
CA ALA D 85 3.37 21.47 6.66
C ALA D 85 2.75 20.78 7.86
N PHE D 86 2.19 21.53 8.81
CA PHE D 86 1.58 20.98 10.00
C PHE D 86 0.05 20.98 9.93
N SER D 87 -0.53 21.35 8.77
CA SER D 87 -1.98 21.46 8.68
C SER D 87 -2.68 20.13 8.97
N PHE D 88 -2.03 19.01 8.67
CA PHE D 88 -2.55 17.70 9.04
C PHE D 88 -1.39 16.88 9.57
N VAL D 89 -1.68 15.95 10.48
CA VAL D 89 -0.65 15.17 11.16
C VAL D 89 -0.40 13.86 10.40
N LEU D 90 0.87 13.60 10.09
CA LEU D 90 1.33 12.28 9.64
C LEU D 90 2.16 11.68 10.76
N PRO D 91 1.63 10.72 11.51
CA PRO D 91 2.34 10.23 12.68
C PRO D 91 3.74 9.74 12.32
N GLY D 92 4.70 10.11 13.16
CA GLY D 92 6.09 9.80 12.92
C GLY D 92 6.86 10.84 12.14
N VAL D 93 6.18 11.78 11.49
CA VAL D 93 6.85 12.76 10.65
C VAL D 93 6.68 14.18 11.16
N ASN D 94 5.43 14.64 11.29
CA ASN D 94 5.21 16.04 11.66
C ASN D 94 4.34 16.19 12.90
N ASP D 95 4.23 15.16 13.72
CA ASP D 95 3.48 15.17 14.96
C ASP D 95 4.30 15.81 16.07
N ARG D 96 3.64 16.04 17.23
CA ARG D 96 4.32 16.79 18.27
C ARG D 96 5.30 15.95 19.09
N ALA D 97 5.25 14.62 18.99
CA ALA D 97 6.30 13.83 19.61
C ALA D 97 7.58 13.83 18.77
N THR D 98 7.46 13.97 17.44
CA THR D 98 8.62 13.95 16.56
C THR D 98 9.26 15.32 16.39
N VAL D 99 8.45 16.37 16.23
CA VAL D 99 8.95 17.74 16.17
C VAL D 99 8.55 18.36 17.51
N ALA D 100 9.43 18.25 18.51
CA ALA D 100 9.04 18.57 19.88
C ALA D 100 9.74 19.78 20.44
N THR D 101 10.61 20.45 19.69
CA THR D 101 11.35 21.59 20.19
C THR D 101 11.24 22.74 19.19
N ALA D 102 11.38 23.96 19.72
CA ALA D 102 11.10 25.16 18.92
C ALA D 102 12.10 25.32 17.79
N ASP D 103 13.38 24.99 18.03
CA ASP D 103 14.38 25.09 16.98
C ASP D 103 14.07 24.14 15.82
N GLU D 104 13.60 22.93 16.12
CA GLU D 104 13.24 22.00 15.06
C GLU D 104 12.01 22.48 14.30
N ALA D 105 10.99 22.97 15.02
CA ALA D 105 9.78 23.44 14.33
C ALA D 105 10.13 24.57 13.37
N LYS D 106 11.10 25.42 13.73
CA LYS D 106 11.45 26.56 12.88
C LYS D 106 11.96 26.11 11.52
N LYS D 107 12.62 24.96 11.46
CA LYS D 107 13.14 24.44 10.20
C LYS D 107 12.06 24.13 9.18
N TRP D 108 10.80 23.96 9.62
CA TRP D 108 9.70 23.59 8.73
C TRP D 108 9.00 24.81 8.13
N GLU D 109 9.39 26.02 8.54
CA GLU D 109 8.69 27.24 8.16
C GLU D 109 8.49 27.38 6.66
N ASN D 110 9.48 27.00 5.86
CA ASN D 110 9.38 27.24 4.43
C ASN D 110 8.89 26.03 3.64
N CYS D 111 8.51 24.97 4.33
CA CYS D 111 8.21 23.72 3.66
C CYS D 111 6.94 23.84 2.84
N ASP D 112 6.94 23.15 1.71
CA ASP D 112 5.77 23.15 0.85
C ASP D 112 4.66 22.29 1.44
N ALA D 113 3.44 22.60 1.01
CA ALA D 113 2.26 21.91 1.50
C ALA D 113 1.18 22.06 0.44
N THR D 114 0.44 20.98 0.20
CA THR D 114 -0.58 20.93 -0.83
C THR D 114 -1.69 20.04 -0.30
N LEU D 115 -2.94 20.42 -0.62
CA LEU D 115 -4.13 19.67 -0.21
C LEU D 115 -4.99 19.51 -1.44
N THR D 116 -5.22 18.26 -1.86
CA THR D 116 -6.08 17.96 -3.00
C THR D 116 -7.12 16.94 -2.57
N GLY D 117 -8.28 16.99 -3.22
CA GLY D 117 -9.33 16.05 -2.92
C GLY D 117 -10.57 16.35 -3.75
N LEU D 118 -11.62 15.58 -3.48
CA LEU D 118 -12.94 15.81 -4.08
C LEU D 118 -13.94 16.12 -2.98
N GLN D 119 -14.94 16.93 -3.32
CA GLN D 119 -15.98 17.28 -2.36
C GLN D 119 -17.35 17.23 -3.02
N ARG D 120 -18.40 17.16 -2.20
CA ARG D 120 -19.76 17.28 -2.68
C ARG D 120 -20.73 17.42 -1.50
N ILE D 121 -21.95 17.86 -1.82
CA ILE D 121 -23.05 17.92 -0.85
C ILE D 121 -23.85 16.63 -0.99
N ILE D 122 -24.13 15.98 0.13
CA ILE D 122 -24.86 14.71 0.07
C ILE D 122 -26.34 14.91 0.39
#